data_5AI6
#
_entry.id   5AI6
#
_cell.length_a   92.602
_cell.length_b   92.602
_cell.length_c   243.759
_cell.angle_alpha   90.00
_cell.angle_beta   90.00
_cell.angle_gamma   120.00
#
_symmetry.space_group_name_H-M   'P 65 2 2'
#
loop_
_entity.id
_entity.type
_entity.pdbx_description
1 polymer 'BIFUNCTIONAL EPOXIDE HYDROLASE 2'
2 non-polymer 'SULFATE ION'
3 non-polymer 'DIMETHYL SULFOXIDE'
4 non-polymer GLYCEROL
5 non-polymer 5-BROMOQUINOLINE
6 water water
#
_entity_poly.entity_id   1
_entity_poly.type   'polypeptide(L)'
_entity_poly.pdbx_seq_one_letter_code
;GMTLRAAVFDLDGVLALPAVFGVLGRTEEALALPRGLLNDAFQKGGPEGATTRLMKGEITLSQWIPLMEENCRKCSETAK
VCLPKNFSIKEIFDKAISARKINRPMLQAALMLRKKGFTTAILTNTWLDDRAERDGLAQLMCELKMHFDFLIESCQVGMV
KPEPQIYKFLLDTLKASPSEVVFLDDIGANLKPARDLGMVTILVQDTDTALKELEKVTGIQLLNTPAPLPTSCNPSDMSH
GYVTVKPRVRLHFVELGSGPAVCLCHGFPESWYSWRYQIPALAQAGYRVLAMDMKGYGESSAPPEIEEYCMEVLCKEMVT
FLDKLGLSQAVFIGHDWGGMLVWYMALFYPERVRAVASLNTPFIPANPNMSPLESIKANPVFDYQLYFQEPGVAEAELEQ
NLSRTFKSLFRASDESVLSMHKVCEAGGLFVNSPEEPSLSRMVTEEEIQFYVQQFKKSGFRGPLNWYRNMERNWKWACKS
LGRKILIPALMVTAEKDFVLVPQMSQHMEDWIPHLKRGHIEDCGHWTQMDKPTEVNQILIKWLDSDARN
;
_entity_poly.pdbx_strand_id   A
#
loop_
_chem_comp.id
_chem_comp.type
_chem_comp.name
_chem_comp.formula
4XH non-polymer 5-BROMOQUINOLINE 'C9 H6 Br N'
DMS non-polymer 'DIMETHYL SULFOXIDE' 'C2 H6 O S'
GOL non-polymer GLYCEROL 'C3 H8 O3'
SO4 non-polymer 'SULFATE ION' 'O4 S -2'
#
# COMPACT_ATOMS: atom_id res chain seq x y z
N THR A 3 -14.38 -27.78 -14.54
CA THR A 3 -13.21 -27.29 -13.81
C THR A 3 -13.22 -25.77 -13.66
N LEU A 4 -13.16 -25.29 -12.40
CA LEU A 4 -13.26 -23.86 -12.08
C LEU A 4 -12.02 -23.05 -12.38
N ARG A 5 -12.24 -21.81 -12.84
CA ARG A 5 -11.19 -20.83 -13.16
C ARG A 5 -11.67 -19.37 -12.98
N ALA A 6 -12.91 -19.19 -12.48
CA ALA A 6 -13.48 -17.88 -12.21
C ALA A 6 -14.34 -17.87 -10.97
N ALA A 7 -14.19 -16.84 -10.14
CA ALA A 7 -14.95 -16.66 -8.91
C ALA A 7 -15.61 -15.29 -8.92
N VAL A 8 -16.92 -15.28 -8.72
CA VAL A 8 -17.75 -14.07 -8.73
C VAL A 8 -18.30 -13.84 -7.32
N PHE A 9 -18.25 -12.59 -6.85
CA PHE A 9 -18.71 -12.23 -5.52
C PHE A 9 -19.68 -11.08 -5.54
N ASP A 10 -20.67 -11.14 -4.65
CA ASP A 10 -21.62 -10.05 -4.46
C ASP A 10 -20.91 -9.06 -3.53
N LEU A 11 -21.33 -7.80 -3.52
CA LEU A 11 -20.74 -6.81 -2.63
C LEU A 11 -21.45 -6.90 -1.29
N ASP A 12 -22.75 -6.55 -1.26
CA ASP A 12 -23.55 -6.56 -0.04
C ASP A 12 -23.74 -7.95 0.55
N GLY A 13 -23.40 -8.08 1.82
CA GLY A 13 -23.49 -9.33 2.56
C GLY A 13 -22.45 -10.38 2.22
N VAL A 14 -21.56 -10.12 1.25
CA VAL A 14 -20.55 -11.08 0.83
C VAL A 14 -19.15 -10.47 1.00
N LEU A 15 -18.78 -9.46 0.17
CA LEU A 15 -17.49 -8.79 0.28
C LEU A 15 -17.54 -7.63 1.29
N ALA A 16 -18.76 -7.14 1.57
CA ALA A 16 -19.00 -6.02 2.48
C ALA A 16 -20.01 -6.37 3.58
N LEU A 17 -19.68 -6.03 4.84
CA LEU A 17 -20.49 -6.33 6.02
C LEU A 17 -20.54 -5.19 7.07
N PRO A 18 -21.68 -5.01 7.79
CA PRO A 18 -22.97 -5.72 7.66
C PRO A 18 -23.73 -5.32 6.41
N ALA A 19 -24.50 -6.26 5.85
CA ALA A 19 -25.32 -6.05 4.66
C ALA A 19 -26.27 -4.87 4.85
N VAL A 20 -26.21 -3.91 3.91
CA VAL A 20 -27.04 -2.69 3.88
C VAL A 20 -28.56 -3.06 3.76
N PHE A 21 -28.86 -4.37 3.63
CA PHE A 21 -30.22 -4.92 3.58
C PHE A 21 -30.78 -5.15 4.99
N GLY A 22 -29.96 -5.71 5.88
CA GLY A 22 -30.31 -5.99 7.26
C GLY A 22 -30.55 -4.76 8.13
N VAL A 23 -30.45 -3.55 7.52
CA VAL A 23 -30.68 -2.28 8.20
C VAL A 23 -32.17 -1.95 8.28
N LEU A 24 -32.95 -2.31 7.25
CA LEU A 24 -34.40 -2.07 7.22
C LEU A 24 -35.06 -2.90 8.34
N GLY A 25 -34.55 -4.11 8.54
CA GLY A 25 -34.97 -5.03 9.60
C GLY A 25 -34.58 -4.51 10.97
N ARG A 26 -33.33 -4.02 11.11
CA ARG A 26 -32.80 -3.45 12.36
C ARG A 26 -33.59 -2.20 12.77
N THR A 27 -33.90 -1.31 11.79
CA THR A 27 -34.66 -0.08 12.03
C THR A 27 -36.07 -0.38 12.53
N GLU A 28 -36.76 -1.37 11.90
CA GLU A 28 -38.11 -1.85 12.27
C GLU A 28 -38.10 -2.28 13.74
N GLU A 29 -37.11 -3.13 14.11
CA GLU A 29 -36.92 -3.67 15.46
C GLU A 29 -36.59 -2.60 16.49
N ALA A 30 -35.69 -1.65 16.12
CA ALA A 30 -35.28 -0.55 16.99
C ALA A 30 -36.44 0.42 17.24
N LEU A 31 -37.22 0.72 16.19
CA LEU A 31 -38.36 1.64 16.29
C LEU A 31 -39.72 1.00 16.58
N ALA A 32 -39.72 -0.29 17.01
CA ALA A 32 -40.93 -1.07 17.33
C ALA A 32 -41.99 -1.04 16.19
N LEU A 33 -41.51 -0.97 14.95
CA LEU A 33 -42.35 -0.92 13.76
C LEU A 33 -42.75 -2.33 13.30
N PRO A 34 -43.91 -2.50 12.59
CA PRO A 34 -44.30 -3.84 12.14
C PRO A 34 -43.24 -4.55 11.33
N ARG A 35 -43.07 -5.86 11.55
CA ARG A 35 -42.05 -6.67 10.86
C ARG A 35 -42.24 -6.56 9.34
N GLY A 36 -41.12 -6.35 8.64
CA GLY A 36 -41.09 -6.22 7.18
C GLY A 36 -41.69 -4.95 6.61
N LEU A 37 -42.13 -3.98 7.44
CA LEU A 37 -42.72 -2.70 7.00
C LEU A 37 -41.80 -1.89 6.09
N LEU A 38 -40.56 -1.64 6.53
CA LEU A 38 -39.55 -0.90 5.79
C LEU A 38 -39.05 -1.69 4.58
N ASN A 39 -38.88 -3.02 4.73
CA ASN A 39 -38.44 -3.92 3.68
C ASN A 39 -39.46 -4.02 2.54
N ASP A 40 -40.77 -3.93 2.86
CA ASP A 40 -41.86 -3.96 1.87
C ASP A 40 -41.80 -2.72 1.01
N ALA A 41 -41.69 -1.54 1.67
CA ALA A 41 -41.58 -0.22 1.04
C ALA A 41 -40.35 -0.16 0.13
N PHE A 42 -39.27 -0.88 0.52
CA PHE A 42 -38.02 -0.98 -0.23
C PHE A 42 -38.21 -1.66 -1.58
N GLN A 43 -38.92 -2.78 -1.61
CA GLN A 43 -39.15 -3.51 -2.85
C GLN A 43 -40.53 -3.27 -3.52
N LYS A 44 -41.27 -2.24 -3.05
CA LYS A 44 -42.58 -1.84 -3.58
C LYS A 44 -42.58 -1.65 -5.10
N GLY A 45 -43.47 -2.38 -5.78
CA GLY A 45 -43.60 -2.32 -7.24
C GLY A 45 -42.69 -3.27 -8.00
N GLY A 46 -41.92 -4.08 -7.27
CA GLY A 46 -40.97 -5.05 -7.81
C GLY A 46 -40.08 -4.52 -8.93
N PRO A 47 -40.13 -5.15 -10.14
CA PRO A 47 -39.27 -4.68 -11.25
C PRO A 47 -39.66 -3.35 -11.92
N GLU A 48 -40.75 -2.72 -11.47
CA GLU A 48 -41.23 -1.44 -12.03
C GLU A 48 -41.12 -0.31 -11.00
N GLY A 49 -40.88 -0.67 -9.75
CA GLY A 49 -40.76 0.26 -8.63
C GLY A 49 -39.47 1.06 -8.59
N ALA A 50 -39.43 2.08 -7.72
CA ALA A 50 -38.31 3.00 -7.50
C ALA A 50 -36.94 2.32 -7.33
N THR A 51 -36.88 1.23 -6.54
CA THR A 51 -35.66 0.48 -6.26
C THR A 51 -35.04 -0.14 -7.52
N THR A 52 -35.87 -0.71 -8.41
CA THR A 52 -35.36 -1.30 -9.65
C THR A 52 -34.79 -0.22 -10.57
N ARG A 53 -35.46 0.93 -10.67
CA ARG A 53 -35.02 2.09 -11.47
C ARG A 53 -33.68 2.62 -10.93
N LEU A 54 -33.55 2.64 -9.59
CA LEU A 54 -32.34 3.04 -8.87
C LEU A 54 -31.19 2.09 -9.22
N MET A 55 -31.42 0.77 -9.05
CA MET A 55 -30.42 -0.26 -9.32
C MET A 55 -30.03 -0.34 -10.81
N LYS A 56 -30.92 0.08 -11.71
CA LYS A 56 -30.65 0.06 -13.15
C LYS A 56 -29.93 1.32 -13.64
N GLY A 57 -29.84 2.33 -12.78
CA GLY A 57 -29.17 3.60 -13.07
C GLY A 57 -30.07 4.61 -13.75
N GLU A 58 -31.40 4.41 -13.68
CA GLU A 58 -32.39 5.31 -14.29
C GLU A 58 -32.42 6.63 -13.55
N ILE A 59 -32.27 6.53 -12.22
CA ILE A 59 -32.30 7.64 -11.27
C ILE A 59 -31.15 7.47 -10.29
N THR A 60 -30.80 8.53 -9.58
CA THR A 60 -29.73 8.50 -8.58
C THR A 60 -30.31 8.25 -7.18
N LEU A 61 -29.42 7.93 -6.22
CA LEU A 61 -29.79 7.68 -4.83
C LEU A 61 -30.58 8.86 -4.20
N SER A 62 -30.15 10.11 -4.47
CA SER A 62 -30.84 11.30 -3.95
C SER A 62 -32.22 11.51 -4.56
N GLN A 63 -32.47 10.96 -5.76
CA GLN A 63 -33.77 11.02 -6.41
C GLN A 63 -34.68 9.92 -5.85
N TRP A 64 -34.08 8.78 -5.41
CA TRP A 64 -34.77 7.62 -4.86
C TRP A 64 -35.25 7.87 -3.44
N ILE A 65 -34.44 8.56 -2.61
CA ILE A 65 -34.76 8.90 -1.21
C ILE A 65 -36.21 9.37 -1.01
N PRO A 66 -36.73 10.41 -1.73
CA PRO A 66 -38.14 10.81 -1.52
C PRO A 66 -39.17 9.77 -1.98
N LEU A 67 -38.85 8.95 -2.99
CA LEU A 67 -39.75 7.90 -3.48
C LEU A 67 -39.87 6.75 -2.48
N MET A 68 -38.76 6.41 -1.80
CA MET A 68 -38.71 5.39 -0.75
C MET A 68 -39.53 5.85 0.46
N GLU A 69 -39.46 7.17 0.78
CA GLU A 69 -40.18 7.81 1.87
C GLU A 69 -41.69 7.73 1.60
N GLU A 70 -42.11 7.95 0.33
CA GLU A 70 -43.50 7.86 -0.08
C GLU A 70 -43.99 6.43 0.14
N ASN A 71 -43.25 5.44 -0.39
CA ASN A 71 -43.53 4.02 -0.23
C ASN A 71 -43.62 3.57 1.24
N CYS A 72 -42.82 4.20 2.13
CA CYS A 72 -42.81 3.91 3.57
C CYS A 72 -44.10 4.30 4.26
N ARG A 73 -44.74 5.36 3.75
CA ARG A 73 -46.00 5.87 4.27
C ARG A 73 -47.17 5.00 3.80
N LYS A 74 -47.20 4.65 2.50
CA LYS A 74 -48.21 3.81 1.86
C LYS A 74 -48.24 2.40 2.48
N CYS A 75 -47.05 1.91 2.91
CA CYS A 75 -46.88 0.62 3.60
C CYS A 75 -47.42 0.72 5.02
N SER A 76 -47.17 1.85 5.71
CA SER A 76 -47.64 2.12 7.08
C SER A 76 -49.17 2.35 7.11
N GLU A 77 -49.72 2.86 5.99
CA GLU A 77 -51.14 3.13 5.77
C GLU A 77 -51.95 1.84 5.73
N THR A 78 -51.42 0.80 5.05
CA THR A 78 -52.05 -0.51 4.87
C THR A 78 -52.09 -1.37 6.13
N ALA A 79 -50.99 -1.40 6.91
CA ALA A 79 -50.91 -2.14 8.17
C ALA A 79 -51.31 -1.24 9.37
N LYS A 80 -52.07 -0.15 9.07
CA LYS A 80 -52.60 0.90 9.97
C LYS A 80 -51.67 1.23 11.14
N VAL A 81 -50.51 1.81 10.82
CA VAL A 81 -49.49 2.19 11.80
C VAL A 81 -48.93 3.59 11.52
N CYS A 82 -48.17 4.15 12.47
CA CYS A 82 -47.59 5.48 12.29
C CYS A 82 -46.09 5.54 12.52
N LEU A 83 -45.41 6.24 11.62
CA LEU A 83 -43.97 6.39 11.62
C LEU A 83 -43.49 7.48 12.57
N PRO A 84 -42.42 7.22 13.34
CA PRO A 84 -41.89 8.26 14.25
C PRO A 84 -41.63 9.56 13.51
N LYS A 85 -41.99 10.68 14.13
CA LYS A 85 -41.92 12.05 13.62
C LYS A 85 -40.52 12.45 13.07
N ASN A 86 -39.47 11.78 13.58
CA ASN A 86 -38.05 12.00 13.30
C ASN A 86 -37.44 11.01 12.28
N PHE A 87 -38.26 10.11 11.73
CA PHE A 87 -37.89 9.08 10.75
C PHE A 87 -37.34 9.70 9.46
N SER A 88 -36.09 9.36 9.10
CA SER A 88 -35.42 9.85 7.90
C SER A 88 -34.68 8.72 7.19
N ILE A 89 -35.10 8.42 5.95
CA ILE A 89 -34.53 7.38 5.09
C ILE A 89 -33.05 7.67 4.84
N LYS A 90 -32.72 8.95 4.51
CA LYS A 90 -31.36 9.45 4.27
C LYS A 90 -30.48 9.10 5.47
N GLU A 91 -30.94 9.43 6.70
CA GLU A 91 -30.26 9.17 7.97
C GLU A 91 -29.96 7.69 8.17
N ILE A 92 -30.96 6.84 7.89
CA ILE A 92 -30.88 5.38 8.03
C ILE A 92 -29.86 4.82 7.03
N PHE A 93 -29.94 5.26 5.77
CA PHE A 93 -29.03 4.82 4.74
C PHE A 93 -27.61 5.33 4.89
N ASP A 94 -27.44 6.61 5.32
CA ASP A 94 -26.13 7.21 5.60
C ASP A 94 -25.39 6.39 6.62
N LYS A 95 -26.06 6.01 7.73
CA LYS A 95 -25.52 5.19 8.81
C LYS A 95 -25.19 3.79 8.35
N ALA A 96 -26.12 3.15 7.59
CA ALA A 96 -25.96 1.78 7.05
C ALA A 96 -24.74 1.66 6.15
N ILE A 97 -24.62 2.56 5.14
CA ILE A 97 -23.50 2.62 4.18
C ILE A 97 -22.17 2.84 4.93
N SER A 98 -22.16 3.79 5.89
CA SER A 98 -21.02 4.18 6.72
C SER A 98 -20.56 3.03 7.62
N ALA A 99 -21.51 2.24 8.15
CA ALA A 99 -21.22 1.12 9.04
C ALA A 99 -20.72 -0.11 8.26
N ARG A 100 -21.00 -0.15 6.94
CA ARG A 100 -20.61 -1.25 6.09
C ARG A 100 -19.12 -1.17 5.74
N LYS A 101 -18.39 -2.24 6.09
CA LYS A 101 -16.95 -2.36 5.91
C LYS A 101 -16.68 -3.59 5.08
N ILE A 102 -15.43 -3.71 4.59
CA ILE A 102 -14.95 -4.86 3.83
C ILE A 102 -14.92 -6.07 4.77
N ASN A 103 -15.38 -7.22 4.27
CA ASN A 103 -15.35 -8.50 4.97
C ASN A 103 -13.95 -9.03 4.61
N ARG A 104 -12.95 -8.69 5.42
CA ARG A 104 -11.54 -9.06 5.20
C ARG A 104 -11.30 -10.53 4.86
N PRO A 105 -11.83 -11.54 5.60
CA PRO A 105 -11.59 -12.95 5.19
C PRO A 105 -12.13 -13.29 3.80
N MET A 106 -13.24 -12.64 3.38
CA MET A 106 -13.82 -12.87 2.05
C MET A 106 -12.89 -12.31 0.99
N LEU A 107 -12.34 -11.08 1.23
CA LEU A 107 -11.38 -10.47 0.31
C LEU A 107 -10.09 -11.29 0.19
N GLN A 108 -9.59 -11.81 1.35
CA GLN A 108 -8.40 -12.67 1.44
C GLN A 108 -8.58 -13.92 0.56
N ALA A 109 -9.77 -14.57 0.66
CA ALA A 109 -10.13 -15.73 -0.15
C ALA A 109 -10.08 -15.39 -1.66
N ALA A 110 -10.71 -14.25 -2.06
CA ALA A 110 -10.71 -13.77 -3.45
C ALA A 110 -9.28 -13.52 -3.93
N LEU A 111 -8.45 -12.88 -3.08
CA LEU A 111 -7.02 -12.61 -3.34
C LEU A 111 -6.27 -13.92 -3.59
N MET A 112 -6.45 -14.91 -2.71
CA MET A 112 -5.83 -16.23 -2.81
C MET A 112 -6.26 -16.96 -4.11
N LEU A 113 -7.57 -16.90 -4.45
CA LEU A 113 -8.09 -17.53 -5.67
C LEU A 113 -7.45 -16.91 -6.91
N ARG A 114 -7.37 -15.55 -6.95
CA ARG A 114 -6.75 -14.80 -8.05
C ARG A 114 -5.23 -15.09 -8.15
N LYS A 115 -4.57 -15.30 -7.01
CA LYS A 115 -3.14 -15.62 -6.95
C LYS A 115 -2.87 -16.99 -7.59
N LYS A 116 -3.83 -17.93 -7.49
CA LYS A 116 -3.74 -19.26 -8.09
C LYS A 116 -4.19 -19.33 -9.57
N GLY A 117 -4.37 -18.17 -10.20
CA GLY A 117 -4.75 -18.07 -11.61
C GLY A 117 -6.21 -17.86 -11.91
N PHE A 118 -7.05 -17.66 -10.89
CA PHE A 118 -8.49 -17.43 -11.10
C PHE A 118 -8.76 -16.02 -11.59
N THR A 119 -9.84 -15.89 -12.37
CA THR A 119 -10.36 -14.62 -12.84
C THR A 119 -11.39 -14.30 -11.79
N THR A 120 -11.28 -13.12 -11.17
CA THR A 120 -12.19 -12.73 -10.09
C THR A 120 -13.03 -11.55 -10.53
N ALA A 121 -14.29 -11.53 -10.07
CA ALA A 121 -15.18 -10.45 -10.43
C ALA A 121 -16.11 -10.10 -9.31
N ILE A 122 -16.49 -8.82 -9.24
CA ILE A 122 -17.50 -8.36 -8.31
C ILE A 122 -18.72 -8.11 -9.19
N LEU A 123 -19.86 -8.73 -8.83
CA LEU A 123 -21.10 -8.48 -9.53
C LEU A 123 -22.05 -7.94 -8.46
N THR A 124 -22.53 -6.71 -8.65
CA THR A 124 -23.35 -6.07 -7.64
C THR A 124 -24.52 -5.24 -8.14
N ASN A 125 -25.64 -5.32 -7.38
CA ASN A 125 -26.80 -4.48 -7.58
C ASN A 125 -26.51 -3.28 -6.74
N THR A 126 -26.22 -2.15 -7.41
CA THR A 126 -25.84 -0.91 -6.75
C THR A 126 -26.47 0.29 -7.41
N TRP A 127 -26.28 1.45 -6.78
CA TRP A 127 -26.86 2.73 -7.18
C TRP A 127 -25.79 3.77 -7.56
N LEU A 128 -26.23 4.85 -8.20
CA LEU A 128 -25.40 6.00 -8.53
C LEU A 128 -25.53 6.91 -7.32
N ASP A 129 -24.49 6.92 -6.48
CA ASP A 129 -24.46 7.64 -5.22
C ASP A 129 -24.04 9.08 -5.37
N ASP A 130 -25.00 10.00 -5.20
CA ASP A 130 -24.81 11.45 -5.31
C ASP A 130 -25.07 12.14 -3.97
N ARG A 131 -25.10 11.38 -2.86
CA ARG A 131 -25.26 11.93 -1.51
C ARG A 131 -24.06 12.80 -1.19
N ALA A 132 -24.20 13.79 -0.29
CA ALA A 132 -23.07 14.64 0.09
C ALA A 132 -21.96 13.80 0.77
N GLU A 133 -22.34 12.65 1.35
CA GLU A 133 -21.41 11.73 2.02
C GLU A 133 -20.98 10.50 1.18
N ARG A 134 -21.17 10.58 -0.17
CA ARG A 134 -20.84 9.56 -1.18
C ARG A 134 -19.38 9.08 -1.20
N ASP A 135 -18.42 9.93 -0.77
CA ASP A 135 -17.00 9.59 -0.76
C ASP A 135 -16.64 8.36 0.04
N GLY A 136 -17.37 8.09 1.12
CA GLY A 136 -17.15 6.94 1.99
C GLY A 136 -17.22 5.63 1.21
N LEU A 137 -18.31 5.45 0.47
CA LEU A 137 -18.52 4.29 -0.39
C LEU A 137 -17.58 4.31 -1.62
N ALA A 138 -17.27 5.52 -2.16
CA ALA A 138 -16.36 5.65 -3.30
C ALA A 138 -14.99 5.10 -2.88
N GLN A 139 -14.54 5.45 -1.66
CA GLN A 139 -13.32 4.95 -1.03
C GLN A 139 -13.34 3.42 -0.89
N LEU A 140 -14.49 2.86 -0.43
CA LEU A 140 -14.71 1.42 -0.22
C LEU A 140 -14.63 0.68 -1.54
N MET A 141 -15.26 1.22 -2.59
CA MET A 141 -15.26 0.62 -3.92
C MET A 141 -13.85 0.60 -4.50
N CYS A 142 -13.08 1.68 -4.26
CA CYS A 142 -11.69 1.79 -4.69
C CYS A 142 -10.82 0.77 -4.04
N GLU A 143 -10.95 0.60 -2.72
CA GLU A 143 -10.16 -0.40 -2.01
C GLU A 143 -10.48 -1.81 -2.48
N LEU A 144 -11.78 -2.12 -2.70
CA LEU A 144 -12.18 -3.44 -3.14
C LEU A 144 -11.79 -3.78 -4.58
N LYS A 145 -12.23 -2.95 -5.55
CA LYS A 145 -12.08 -3.18 -6.99
C LYS A 145 -10.69 -3.52 -7.52
N MET A 146 -9.64 -2.86 -7.00
N MET A 146 -9.64 -2.87 -6.96
CA MET A 146 -8.28 -3.11 -7.51
CA MET A 146 -8.23 -3.04 -7.32
C MET A 146 -7.73 -4.52 -7.27
C MET A 146 -7.75 -4.49 -7.24
N HIS A 147 -8.45 -5.31 -6.44
CA HIS A 147 -8.13 -6.72 -6.16
C HIS A 147 -8.84 -7.69 -7.08
N PHE A 148 -9.69 -7.17 -7.97
CA PHE A 148 -10.50 -7.98 -8.89
C PHE A 148 -10.22 -7.66 -10.35
N ASP A 149 -10.51 -8.61 -11.24
CA ASP A 149 -10.33 -8.42 -12.66
C ASP A 149 -11.48 -7.59 -13.22
N PHE A 150 -12.70 -7.79 -12.68
CA PHE A 150 -13.89 -7.08 -13.12
C PHE A 150 -14.79 -6.64 -11.98
N LEU A 151 -15.43 -5.48 -12.19
CA LEU A 151 -16.43 -4.91 -11.31
C LEU A 151 -17.62 -4.64 -12.21
N ILE A 152 -18.71 -5.38 -12.00
CA ILE A 152 -19.92 -5.24 -12.78
C ILE A 152 -20.96 -4.67 -11.84
N GLU A 153 -21.41 -3.45 -12.14
CA GLU A 153 -22.37 -2.70 -11.34
C GLU A 153 -23.64 -2.56 -12.13
N SER A 154 -24.75 -3.00 -11.53
CA SER A 154 -26.08 -2.96 -12.11
C SER A 154 -26.43 -1.59 -12.71
N CYS A 155 -26.19 -0.49 -11.95
CA CYS A 155 -26.48 0.89 -12.36
C CYS A 155 -25.63 1.35 -13.55
N GLN A 156 -24.47 0.71 -13.75
CA GLN A 156 -23.63 1.04 -14.90
C GLN A 156 -24.02 0.25 -16.14
N VAL A 157 -24.45 -1.01 -15.96
CA VAL A 157 -24.85 -1.89 -17.07
C VAL A 157 -26.34 -1.84 -17.44
N GLY A 158 -27.16 -1.19 -16.60
CA GLY A 158 -28.60 -1.03 -16.81
C GLY A 158 -29.39 -2.32 -16.68
N MET A 159 -28.75 -3.33 -16.10
CA MET A 159 -29.30 -4.68 -15.87
C MET A 159 -29.29 -4.92 -14.39
N VAL A 160 -30.03 -5.92 -13.92
CA VAL A 160 -30.18 -6.15 -12.50
C VAL A 160 -30.32 -7.62 -12.15
N LYS A 161 -29.84 -8.02 -10.97
CA LYS A 161 -30.04 -9.39 -10.49
C LYS A 161 -31.45 -9.36 -9.91
N PRO A 162 -32.36 -10.32 -10.20
CA PRO A 162 -32.16 -11.62 -10.88
C PRO A 162 -32.43 -11.76 -12.38
N GLU A 163 -32.62 -10.66 -13.16
CA GLU A 163 -32.85 -10.76 -14.63
C GLU A 163 -31.72 -11.56 -15.27
N PRO A 164 -31.99 -12.58 -16.12
CA PRO A 164 -30.88 -13.41 -16.62
C PRO A 164 -29.89 -12.79 -17.62
N GLN A 165 -30.18 -11.59 -18.16
CA GLN A 165 -29.31 -10.88 -19.09
C GLN A 165 -27.99 -10.45 -18.41
N ILE A 166 -28.03 -10.10 -17.11
CA ILE A 166 -26.84 -9.74 -16.34
C ILE A 166 -25.90 -10.94 -16.16
N TYR A 167 -26.47 -12.15 -16.04
CA TYR A 167 -25.72 -13.40 -15.87
C TYR A 167 -25.00 -13.77 -17.14
N LYS A 168 -25.67 -13.56 -18.31
CA LYS A 168 -25.08 -13.80 -19.63
C LYS A 168 -24.02 -12.72 -19.90
N PHE A 169 -24.26 -11.48 -19.39
CA PHE A 169 -23.31 -10.37 -19.50
C PHE A 169 -22.06 -10.74 -18.71
N LEU A 170 -22.24 -11.21 -17.44
CA LEU A 170 -21.16 -11.66 -16.56
C LEU A 170 -20.27 -12.69 -17.26
N LEU A 171 -20.88 -13.73 -17.83
CA LEU A 171 -20.15 -14.80 -18.53
C LEU A 171 -19.41 -14.30 -19.74
N ASP A 172 -19.99 -13.32 -20.46
CA ASP A 172 -19.35 -12.71 -21.62
C ASP A 172 -18.11 -11.93 -21.18
N THR A 173 -18.19 -11.14 -20.08
CA THR A 173 -17.01 -10.41 -19.58
C THR A 173 -15.96 -11.37 -19.02
N LEU A 174 -16.40 -12.48 -18.39
CA LEU A 174 -15.49 -13.49 -17.87
C LEU A 174 -14.82 -14.31 -18.98
N LYS A 175 -15.49 -14.43 -20.16
CA LYS A 175 -15.07 -15.24 -21.32
C LYS A 175 -14.94 -16.69 -20.82
N ALA A 176 -15.98 -17.16 -20.10
CA ALA A 176 -15.99 -18.47 -19.48
C ALA A 176 -17.35 -19.10 -19.50
N SER A 177 -17.38 -20.44 -19.62
CA SER A 177 -18.62 -21.22 -19.59
C SER A 177 -19.08 -21.32 -18.14
N PRO A 178 -20.41 -21.24 -17.88
CA PRO A 178 -20.92 -21.30 -16.49
C PRO A 178 -20.29 -22.35 -15.57
N SER A 179 -19.98 -23.56 -16.08
CA SER A 179 -19.37 -24.64 -15.31
C SER A 179 -18.00 -24.27 -14.71
N GLU A 180 -17.29 -23.29 -15.32
CA GLU A 180 -15.98 -22.78 -14.88
C GLU A 180 -16.13 -21.62 -13.85
N VAL A 181 -17.36 -21.34 -13.38
CA VAL A 181 -17.65 -20.21 -12.52
C VAL A 181 -18.31 -20.55 -11.17
N VAL A 182 -17.72 -20.00 -10.08
CA VAL A 182 -18.27 -20.04 -8.72
C VAL A 182 -18.90 -18.67 -8.57
N PHE A 183 -20.08 -18.64 -7.98
CA PHE A 183 -20.82 -17.42 -7.77
C PHE A 183 -21.28 -17.42 -6.31
N LEU A 184 -20.84 -16.42 -5.54
CA LEU A 184 -21.18 -16.31 -4.12
C LEU A 184 -22.15 -15.17 -3.91
N ASP A 185 -23.32 -15.47 -3.33
CA ASP A 185 -24.36 -14.47 -3.08
C ASP A 185 -25.06 -14.74 -1.76
N ASP A 186 -25.47 -13.69 -1.07
CA ASP A 186 -26.18 -13.80 0.20
C ASP A 186 -27.70 -13.88 0.00
N ILE A 187 -28.16 -13.65 -1.26
CA ILE A 187 -29.58 -13.67 -1.65
C ILE A 187 -29.87 -14.86 -2.54
N GLY A 188 -30.71 -15.77 -2.03
CA GLY A 188 -31.12 -17.01 -2.70
C GLY A 188 -31.67 -16.80 -4.10
N ALA A 189 -32.54 -15.80 -4.25
CA ALA A 189 -33.17 -15.44 -5.52
C ALA A 189 -32.14 -14.98 -6.59
N ASN A 190 -31.06 -14.31 -6.16
CA ASN A 190 -30.01 -13.80 -7.07
C ASN A 190 -29.00 -14.87 -7.48
N LEU A 191 -28.94 -15.95 -6.70
CA LEU A 191 -28.09 -17.12 -6.88
C LEU A 191 -28.73 -18.06 -7.91
N LYS A 192 -30.06 -18.27 -7.80
CA LYS A 192 -30.89 -19.11 -8.66
C LYS A 192 -30.60 -19.03 -10.18
N PRO A 193 -30.60 -17.84 -10.86
CA PRO A 193 -30.31 -17.84 -12.30
C PRO A 193 -28.90 -18.32 -12.64
N ALA A 194 -27.92 -18.05 -11.75
CA ALA A 194 -26.54 -18.51 -11.93
C ALA A 194 -26.49 -20.03 -11.82
N ARG A 195 -27.23 -20.62 -10.88
CA ARG A 195 -27.31 -22.07 -10.72
C ARG A 195 -28.03 -22.73 -11.90
N ASP A 196 -29.25 -22.28 -12.25
CA ASP A 196 -29.98 -22.86 -13.39
C ASP A 196 -29.29 -22.70 -14.78
N LEU A 197 -28.15 -21.99 -14.82
CA LEU A 197 -27.27 -21.81 -15.99
C LEU A 197 -26.11 -22.82 -15.94
N GLY A 198 -25.93 -23.46 -14.78
CA GLY A 198 -24.89 -24.46 -14.57
C GLY A 198 -23.64 -23.99 -13.83
N MET A 199 -23.73 -22.81 -13.18
CA MET A 199 -22.60 -22.27 -12.41
C MET A 199 -22.56 -22.92 -11.06
N VAL A 200 -21.36 -22.99 -10.46
CA VAL A 200 -21.23 -23.46 -9.09
C VAL A 200 -21.66 -22.26 -8.25
N THR A 201 -22.49 -22.52 -7.25
CA THR A 201 -23.10 -21.47 -6.45
C THR A 201 -22.94 -21.71 -4.97
N ILE A 202 -22.88 -20.63 -4.19
CA ILE A 202 -22.76 -20.67 -2.74
C ILE A 202 -23.68 -19.64 -2.12
N LEU A 203 -24.59 -20.10 -1.23
CA LEU A 203 -25.43 -19.17 -0.47
C LEU A 203 -24.58 -18.79 0.71
N VAL A 204 -24.32 -17.48 0.85
CA VAL A 204 -23.47 -16.92 1.89
C VAL A 204 -24.30 -16.41 3.05
N GLN A 205 -24.22 -17.08 4.19
CA GLN A 205 -24.85 -16.61 5.42
C GLN A 205 -23.66 -16.14 6.23
N ASP A 206 -23.03 -17.05 7.00
CA ASP A 206 -21.81 -16.70 7.70
C ASP A 206 -20.65 -16.96 6.74
N THR A 207 -19.62 -16.13 6.84
CA THR A 207 -18.43 -16.17 5.99
C THR A 207 -17.67 -17.51 6.08
N ASP A 208 -17.41 -18.01 7.30
CA ASP A 208 -16.68 -19.27 7.52
C ASP A 208 -17.23 -20.45 6.74
N THR A 209 -18.55 -20.69 6.82
CA THR A 209 -19.24 -21.79 6.11
C THR A 209 -19.10 -21.58 4.59
N ALA A 210 -19.35 -20.34 4.11
CA ALA A 210 -19.24 -19.95 2.71
C ALA A 210 -17.83 -20.24 2.19
N LEU A 211 -16.80 -19.96 3.01
CA LEU A 211 -15.40 -20.22 2.67
C LEU A 211 -15.06 -21.70 2.67
N LYS A 212 -15.66 -22.51 3.60
CA LYS A 212 -15.48 -23.98 3.66
C LYS A 212 -16.00 -24.56 2.36
N GLU A 213 -17.20 -24.11 1.94
CA GLU A 213 -17.85 -24.50 0.68
C GLU A 213 -16.97 -24.09 -0.50
N LEU A 214 -16.44 -22.86 -0.45
CA LEU A 214 -15.56 -22.30 -1.49
C LEU A 214 -14.26 -23.09 -1.65
N GLU A 215 -13.64 -23.53 -0.54
CA GLU A 215 -12.40 -24.31 -0.64
C GLU A 215 -12.61 -25.77 -1.03
N LYS A 216 -13.73 -26.36 -0.60
CA LYS A 216 -14.13 -27.73 -0.94
C LYS A 216 -14.38 -27.80 -2.45
N VAL A 217 -15.07 -26.78 -2.98
CA VAL A 217 -15.40 -26.66 -4.39
C VAL A 217 -14.23 -26.26 -5.32
N THR A 218 -13.25 -25.47 -4.83
CA THR A 218 -12.11 -25.05 -5.66
C THR A 218 -10.87 -25.93 -5.52
N GLY A 219 -10.72 -26.55 -4.35
CA GLY A 219 -9.57 -27.40 -4.03
C GLY A 219 -8.37 -26.59 -3.59
N ILE A 220 -8.61 -25.33 -3.19
CA ILE A 220 -7.60 -24.38 -2.73
C ILE A 220 -7.88 -24.00 -1.27
N GLN A 221 -6.84 -24.04 -0.42
CA GLN A 221 -6.94 -23.67 0.99
C GLN A 221 -7.22 -22.16 1.06
N LEU A 222 -8.31 -21.78 1.76
CA LEU A 222 -8.71 -20.38 1.89
C LEU A 222 -8.92 -20.00 3.35
N LEU A 223 -9.26 -20.97 4.17
CA LEU A 223 -9.49 -20.82 5.60
C LEU A 223 -8.23 -21.26 6.33
N ASN A 224 -7.96 -20.65 7.51
CA ASN A 224 -6.81 -20.97 8.38
C ASN A 224 -5.48 -20.91 7.64
N THR A 225 -5.41 -20.03 6.64
CA THR A 225 -4.23 -19.83 5.81
C THR A 225 -3.26 -18.86 6.53
N PRO A 226 -1.93 -18.88 6.26
CA PRO A 226 -1.05 -17.92 6.94
C PRO A 226 -1.42 -16.46 6.64
N ALA A 227 -1.02 -15.53 7.51
CA ALA A 227 -1.28 -14.11 7.34
C ALA A 227 -0.69 -13.65 5.98
N PRO A 228 -1.47 -13.01 5.09
CA PRO A 228 -0.90 -12.66 3.79
C PRO A 228 0.02 -11.44 3.85
N LEU A 229 0.84 -11.27 2.82
CA LEU A 229 1.72 -10.11 2.74
C LEU A 229 0.86 -8.89 2.40
N PRO A 230 1.27 -7.66 2.76
CA PRO A 230 0.47 -6.48 2.36
C PRO A 230 0.41 -6.36 0.83
N THR A 231 -0.50 -5.52 0.31
CA THR A 231 -0.63 -5.28 -1.12
C THR A 231 0.70 -4.68 -1.63
N SER A 232 1.18 -5.18 -2.76
CA SER A 232 2.41 -4.70 -3.40
C SER A 232 2.06 -3.77 -4.60
N CYS A 233 3.07 -3.31 -5.35
CA CYS A 233 2.86 -2.43 -6.50
C CYS A 233 3.21 -3.10 -7.78
N ASN A 234 2.37 -2.91 -8.82
CA ASN A 234 2.69 -3.36 -10.16
C ASN A 234 3.18 -2.08 -10.84
N PRO A 235 4.51 -1.96 -11.11
CA PRO A 235 5.08 -0.72 -11.67
C PRO A 235 4.33 -0.02 -12.82
N SER A 236 3.75 -0.79 -13.73
CA SER A 236 3.03 -0.27 -14.90
C SER A 236 1.63 0.24 -14.55
N ASP A 237 1.13 -0.04 -13.34
CA ASP A 237 -0.18 0.40 -12.84
C ASP A 237 -0.06 1.65 -11.99
N MET A 238 1.16 2.19 -11.85
CA MET A 238 1.41 3.37 -11.02
C MET A 238 1.39 4.67 -11.82
N SER A 239 1.12 5.79 -11.12
CA SER A 239 1.24 7.11 -11.69
C SER A 239 2.71 7.45 -11.47
N HIS A 240 3.44 7.75 -12.57
CA HIS A 240 4.85 8.09 -12.59
C HIS A 240 5.01 9.58 -12.79
N GLY A 241 5.72 10.21 -11.86
CA GLY A 241 5.97 11.64 -11.86
C GLY A 241 7.42 12.00 -12.11
N TYR A 242 7.65 13.15 -12.79
CA TYR A 242 8.98 13.62 -13.17
C TYR A 242 9.11 15.12 -12.97
N VAL A 243 10.11 15.53 -12.17
CA VAL A 243 10.38 16.93 -11.84
C VAL A 243 11.84 17.27 -12.18
N THR A 244 12.04 18.32 -12.97
CA THR A 244 13.39 18.81 -13.26
C THR A 244 13.76 19.76 -12.12
N VAL A 245 14.71 19.34 -11.28
CA VAL A 245 15.16 20.11 -10.11
C VAL A 245 16.29 21.08 -10.47
N LYS A 246 16.93 20.86 -11.62
CA LYS A 246 17.98 21.69 -12.23
C LYS A 246 18.32 21.23 -13.66
N PRO A 247 18.90 22.10 -14.53
CA PRO A 247 19.13 21.72 -15.95
C PRO A 247 19.47 20.26 -16.29
N ARG A 248 20.40 19.64 -15.56
CA ARG A 248 20.79 18.26 -15.85
C ARG A 248 20.14 17.20 -14.91
N VAL A 249 19.33 17.64 -13.93
CA VAL A 249 18.74 16.71 -12.95
C VAL A 249 17.21 16.65 -12.93
N ARG A 250 16.70 15.48 -13.27
CA ARG A 250 15.29 15.15 -13.22
C ARG A 250 15.09 14.09 -12.11
N LEU A 251 14.03 14.27 -11.29
CA LEU A 251 13.72 13.29 -10.26
C LEU A 251 12.40 12.59 -10.58
N HIS A 252 12.45 11.26 -10.55
CA HIS A 252 11.32 10.40 -10.79
C HIS A 252 10.74 9.93 -9.46
N PHE A 253 9.42 9.79 -9.43
CA PHE A 253 8.68 9.29 -8.27
C PHE A 253 7.38 8.61 -8.70
N VAL A 254 6.91 7.70 -7.87
CA VAL A 254 5.64 7.00 -8.04
C VAL A 254 4.70 7.66 -7.02
N GLU A 255 3.46 7.94 -7.42
CA GLU A 255 2.53 8.66 -6.55
C GLU A 255 1.19 7.94 -6.38
N LEU A 256 0.78 7.77 -5.12
CA LEU A 256 -0.49 7.12 -4.81
C LEU A 256 -1.13 7.72 -3.55
N GLY A 257 -2.41 8.02 -3.65
CA GLY A 257 -3.20 8.51 -2.54
C GLY A 257 -3.45 10.00 -2.50
N SER A 258 -4.29 10.39 -1.53
CA SER A 258 -4.67 11.76 -1.23
C SER A 258 -4.48 11.99 0.26
N GLY A 259 -4.23 13.23 0.65
CA GLY A 259 -4.00 13.61 2.04
C GLY A 259 -2.63 14.21 2.23
N PRO A 260 -2.09 14.24 3.47
CA PRO A 260 -0.75 14.82 3.66
C PRO A 260 0.32 14.08 2.86
N ALA A 261 1.23 14.85 2.23
CA ALA A 261 2.31 14.32 1.42
C ALA A 261 3.34 13.57 2.26
N VAL A 262 3.64 12.33 1.87
CA VAL A 262 4.59 11.46 2.54
C VAL A 262 5.66 11.10 1.52
N CYS A 263 6.86 11.64 1.72
CA CYS A 263 7.99 11.40 0.82
C CYS A 263 8.88 10.24 1.27
N LEU A 264 8.89 9.17 0.47
CA LEU A 264 9.65 7.95 0.76
C LEU A 264 10.98 7.94 0.04
N CYS A 265 12.05 7.84 0.84
CA CYS A 265 13.45 7.92 0.41
C CYS A 265 14.21 6.62 0.67
N HIS A 266 14.40 5.82 -0.37
CA HIS A 266 15.07 4.53 -0.30
C HIS A 266 16.59 4.64 -0.02
N GLY A 267 17.18 3.50 0.30
CA GLY A 267 18.61 3.40 0.55
C GLY A 267 19.39 2.82 -0.61
N PHE A 268 20.61 2.38 -0.31
CA PHE A 268 21.52 1.83 -1.29
C PHE A 268 21.54 0.30 -1.28
N PRO A 269 21.55 -0.38 -2.46
CA PRO A 269 21.37 0.12 -3.84
C PRO A 269 19.92 -0.17 -4.22
N GLU A 270 19.01 0.76 -3.92
CA GLU A 270 17.60 0.46 -4.09
C GLU A 270 16.80 1.16 -5.20
N SER A 271 15.52 1.49 -4.94
CA SER A 271 14.55 1.98 -5.92
C SER A 271 13.33 2.46 -5.18
N TRP A 272 12.40 3.17 -5.88
CA TRP A 272 11.09 3.52 -5.34
C TRP A 272 10.37 2.21 -4.93
N TYR A 273 10.59 1.13 -5.71
CA TYR A 273 10.02 -0.21 -5.58
C TYR A 273 10.37 -0.90 -4.27
N SER A 274 11.38 -0.38 -3.55
CA SER A 274 11.72 -0.90 -2.22
C SER A 274 10.60 -0.60 -1.23
N TRP A 275 9.68 0.34 -1.58
CA TRP A 275 8.53 0.70 -0.75
C TRP A 275 7.24 0.10 -1.28
N ARG A 276 7.33 -0.90 -2.20
CA ARG A 276 6.15 -1.55 -2.81
C ARG A 276 5.07 -1.99 -1.85
N TYR A 277 5.45 -2.46 -0.64
CA TYR A 277 4.50 -2.90 0.38
C TYR A 277 3.97 -1.75 1.25
N GLN A 278 4.63 -0.59 1.24
CA GLN A 278 4.22 0.58 2.04
C GLN A 278 3.30 1.52 1.28
N ILE A 279 3.56 1.73 -0.03
CA ILE A 279 2.79 2.61 -0.90
C ILE A 279 1.25 2.37 -0.85
N PRO A 280 0.73 1.16 -1.18
CA PRO A 280 -0.73 0.96 -1.09
C PRO A 280 -1.27 1.11 0.33
N ALA A 281 -0.53 0.61 1.35
CA ALA A 281 -0.93 0.71 2.77
C ALA A 281 -1.02 2.15 3.25
N LEU A 282 0.02 2.97 3.00
CA LEU A 282 0.06 4.37 3.44
C LEU A 282 -0.98 5.23 2.71
N ALA A 283 -1.24 4.95 1.41
CA ALA A 283 -2.26 5.64 0.63
C ALA A 283 -3.64 5.30 1.17
N GLN A 284 -3.85 4.01 1.53
CA GLN A 284 -5.11 3.52 2.11
C GLN A 284 -5.38 4.14 3.50
N ALA A 285 -4.30 4.47 4.23
CA ALA A 285 -4.36 5.11 5.55
C ALA A 285 -4.64 6.63 5.50
N GLY A 286 -4.81 7.17 4.29
CA GLY A 286 -5.15 8.58 4.09
C GLY A 286 -3.99 9.52 3.83
N TYR A 287 -2.94 9.03 3.15
CA TYR A 287 -1.76 9.84 2.82
C TYR A 287 -1.47 9.89 1.34
N ARG A 288 -0.85 10.99 0.89
CA ARG A 288 -0.42 11.13 -0.49
C ARG A 288 1.02 10.65 -0.50
N VAL A 289 1.22 9.45 -1.06
CA VAL A 289 2.54 8.82 -1.10
C VAL A 289 3.36 9.26 -2.32
N LEU A 290 4.59 9.71 -2.09
CA LEU A 290 5.53 10.08 -3.14
C LEU A 290 6.78 9.24 -2.88
N ALA A 291 6.87 8.11 -3.61
CA ALA A 291 7.98 7.16 -3.51
C ALA A 291 9.01 7.51 -4.57
N MET A 292 10.13 8.02 -4.12
CA MET A 292 11.22 8.51 -4.94
C MET A 292 12.12 7.45 -5.49
N ASP A 293 12.70 7.77 -6.65
CA ASP A 293 13.86 7.13 -7.22
C ASP A 293 14.84 8.23 -6.83
N MET A 294 15.72 7.94 -5.85
CA MET A 294 16.68 8.94 -5.38
C MET A 294 17.68 9.28 -6.48
N LYS A 295 18.37 10.43 -6.40
CA LYS A 295 19.35 10.82 -7.42
C LYS A 295 20.39 9.69 -7.63
N GLY A 296 20.57 9.30 -8.89
CA GLY A 296 21.48 8.24 -9.29
C GLY A 296 20.80 6.91 -9.55
N TYR A 297 19.46 6.86 -9.35
CA TYR A 297 18.68 5.63 -9.42
C TYR A 297 17.51 5.64 -10.38
N GLY A 298 17.24 4.46 -10.95
CA GLY A 298 16.12 4.18 -11.85
C GLY A 298 15.93 5.21 -12.94
N GLU A 299 14.75 5.84 -12.94
CA GLU A 299 14.37 6.87 -13.91
C GLU A 299 14.78 8.29 -13.50
N SER A 300 15.51 8.43 -12.37
CA SER A 300 16.02 9.75 -11.97
C SER A 300 17.35 9.93 -12.65
N SER A 301 17.81 11.18 -12.80
CA SER A 301 19.09 11.42 -13.46
C SER A 301 20.22 10.87 -12.60
N ALA A 302 21.30 10.46 -13.27
CA ALA A 302 22.47 9.90 -12.59
C ALA A 302 23.74 10.58 -13.10
N PRO A 303 24.01 11.87 -12.74
CA PRO A 303 25.25 12.52 -13.23
C PRO A 303 26.51 11.83 -12.69
N PRO A 304 27.65 11.85 -13.43
CA PRO A 304 28.83 11.08 -12.96
C PRO A 304 29.63 11.66 -11.80
N GLU A 305 29.63 12.99 -11.64
CA GLU A 305 30.42 13.71 -10.63
C GLU A 305 30.08 13.33 -9.21
N ILE A 306 31.12 13.11 -8.37
CA ILE A 306 31.00 12.71 -6.97
C ILE A 306 30.24 13.76 -6.13
N GLU A 307 30.60 15.05 -6.30
CA GLU A 307 30.05 16.25 -5.62
C GLU A 307 28.54 16.41 -5.79
N GLU A 308 28.00 15.83 -6.88
CA GLU A 308 26.58 15.88 -7.20
C GLU A 308 25.75 15.07 -6.19
N TYR A 309 26.44 14.26 -5.37
CA TYR A 309 25.85 13.35 -4.41
C TYR A 309 26.16 13.64 -2.95
N CYS A 310 26.69 14.84 -2.66
CA CYS A 310 26.92 15.19 -1.27
C CYS A 310 25.55 15.58 -0.66
N MET A 311 25.37 15.38 0.65
CA MET A 311 24.11 15.64 1.36
C MET A 311 23.54 17.03 1.13
N GLU A 312 24.40 18.07 1.12
CA GLU A 312 23.96 19.46 0.88
C GLU A 312 23.20 19.60 -0.45
N VAL A 313 23.76 19.06 -1.55
CA VAL A 313 23.10 19.18 -2.85
C VAL A 313 21.87 18.31 -2.98
N LEU A 314 21.91 17.10 -2.42
CA LEU A 314 20.79 16.16 -2.43
C LEU A 314 19.58 16.76 -1.72
N CYS A 315 19.81 17.37 -0.55
CA CYS A 315 18.78 18.02 0.26
C CYS A 315 18.18 19.24 -0.44
N LYS A 316 19.04 20.11 -0.99
CA LYS A 316 18.62 21.28 -1.75
C LYS A 316 17.76 20.86 -2.92
N GLU A 317 18.17 19.79 -3.64
CA GLU A 317 17.39 19.23 -4.74
C GLU A 317 16.02 18.72 -4.30
N MET A 318 15.91 18.13 -3.10
CA MET A 318 14.66 17.62 -2.53
C MET A 318 13.74 18.78 -2.16
N VAL A 319 14.32 19.89 -1.70
CA VAL A 319 13.61 21.15 -1.39
C VAL A 319 13.06 21.73 -2.71
N THR A 320 13.87 21.75 -3.79
CA THR A 320 13.45 22.22 -5.13
C THR A 320 12.27 21.33 -5.63
N PHE A 321 12.38 20.00 -5.41
CA PHE A 321 11.34 19.01 -5.77
C PHE A 321 9.99 19.42 -5.15
N LEU A 322 10.00 19.77 -3.84
CA LEU A 322 8.83 20.28 -3.11
C LEU A 322 8.33 21.59 -3.73
N ASP A 323 9.26 22.53 -4.04
CA ASP A 323 8.98 23.83 -4.68
C ASP A 323 8.24 23.63 -6.00
N LYS A 324 8.79 22.77 -6.89
CA LYS A 324 8.21 22.50 -8.20
C LYS A 324 6.87 21.78 -8.14
N LEU A 325 6.65 20.90 -7.14
CA LEU A 325 5.36 20.22 -6.95
C LEU A 325 4.32 21.12 -6.26
N GLY A 326 4.75 22.23 -5.68
CA GLY A 326 3.91 23.18 -4.95
C GLY A 326 3.56 22.68 -3.57
N LEU A 327 4.51 21.94 -2.94
CA LEU A 327 4.32 21.39 -1.60
C LEU A 327 5.13 22.19 -0.60
N SER A 328 4.44 22.83 0.34
CA SER A 328 5.13 23.62 1.36
C SER A 328 5.84 22.66 2.33
N GLN A 329 5.26 21.46 2.59
CA GLN A 329 5.84 20.43 3.43
C GLN A 329 5.53 19.01 2.91
N ALA A 330 6.27 18.04 3.45
CA ALA A 330 6.02 16.61 3.25
C ALA A 330 6.58 15.91 4.47
N VAL A 331 6.01 14.75 4.84
CA VAL A 331 6.65 13.96 5.88
C VAL A 331 7.76 13.17 5.16
N PHE A 332 8.97 13.21 5.70
CA PHE A 332 10.08 12.54 5.07
C PHE A 332 10.40 11.23 5.76
N ILE A 333 10.25 10.13 5.02
CA ILE A 333 10.52 8.78 5.51
C ILE A 333 11.66 8.19 4.73
N GLY A 334 12.74 7.89 5.42
CA GLY A 334 13.93 7.33 4.81
C GLY A 334 14.40 6.04 5.41
N HIS A 335 15.16 5.28 4.62
CA HIS A 335 15.80 4.00 4.97
C HIS A 335 17.21 4.04 4.42
N ASP A 336 18.20 3.63 5.24
CA ASP A 336 19.62 3.56 4.87
C ASP A 336 20.15 4.95 4.48
N TRP A 337 20.62 5.16 3.23
CA TRP A 337 21.07 6.47 2.76
C TRP A 337 19.94 7.48 2.77
N GLY A 338 18.71 7.02 2.48
CA GLY A 338 17.50 7.83 2.54
C GLY A 338 17.20 8.29 3.97
N GLY A 339 17.49 7.42 4.95
CA GLY A 339 17.34 7.71 6.38
C GLY A 339 18.26 8.81 6.82
N MET A 340 19.51 8.81 6.28
CA MET A 340 20.51 9.84 6.57
C MET A 340 20.08 11.18 5.98
N LEU A 341 19.61 11.19 4.71
CA LEU A 341 19.12 12.39 4.02
C LEU A 341 17.99 13.08 4.82
N VAL A 342 17.03 12.27 5.26
CA VAL A 342 15.83 12.60 6.02
C VAL A 342 16.18 13.26 7.39
N TRP A 343 17.28 12.82 8.08
CA TRP A 343 17.72 13.52 9.29
C TRP A 343 18.32 14.90 8.94
N TYR A 344 19.01 14.99 7.78
CA TYR A 344 19.57 16.26 7.32
C TYR A 344 18.54 17.26 6.78
N MET A 345 17.41 16.74 6.25
CA MET A 345 16.26 17.54 5.82
C MET A 345 15.63 18.20 7.04
N ALA A 346 15.49 17.44 8.13
CA ALA A 346 14.96 17.91 9.41
C ALA A 346 15.84 18.98 10.08
N LEU A 347 17.18 18.84 10.01
CA LEU A 347 18.16 19.74 10.61
C LEU A 347 18.38 21.04 9.83
N PHE A 348 18.28 20.98 8.49
CA PHE A 348 18.56 22.14 7.63
C PHE A 348 17.33 22.79 7.04
N TYR A 349 16.25 22.02 6.89
CA TYR A 349 14.99 22.51 6.33
C TYR A 349 13.78 22.09 7.21
N PRO A 350 13.76 22.41 8.54
CA PRO A 350 12.61 21.99 9.37
C PRO A 350 11.25 22.52 8.93
N GLU A 351 11.22 23.68 8.24
CA GLU A 351 9.96 24.29 7.78
C GLU A 351 9.32 23.51 6.62
N ARG A 352 10.11 22.68 5.96
CA ARG A 352 9.72 21.86 4.82
C ARG A 352 9.39 20.44 5.21
N VAL A 353 9.68 20.07 6.47
CA VAL A 353 9.51 18.72 6.98
C VAL A 353 8.38 18.71 8.02
N ARG A 354 7.27 18.06 7.66
CA ARG A 354 6.08 17.92 8.49
C ARG A 354 6.45 17.07 9.70
N ALA A 355 7.15 15.97 9.44
CA ALA A 355 7.64 15.00 10.41
C ALA A 355 8.72 14.18 9.72
N VAL A 356 9.64 13.64 10.49
CA VAL A 356 10.75 12.86 9.97
C VAL A 356 10.77 11.45 10.56
N ALA A 357 10.92 10.42 9.70
CA ALA A 357 11.02 9.04 10.16
C ALA A 357 12.19 8.35 9.47
N SER A 358 12.91 7.52 10.21
CA SER A 358 14.02 6.75 9.65
C SER A 358 13.94 5.29 10.06
N LEU A 359 14.17 4.42 9.09
CA LEU A 359 14.26 2.98 9.32
C LEU A 359 15.74 2.66 9.35
N ASN A 360 16.20 2.01 10.46
CA ASN A 360 17.56 1.53 10.71
C ASN A 360 18.64 2.61 10.87
N THR A 361 18.63 3.66 10.03
CA THR A 361 19.64 4.73 10.05
C THR A 361 19.51 5.60 11.27
N PRO A 362 20.52 5.60 12.18
CA PRO A 362 20.42 6.45 13.37
C PRO A 362 20.86 7.88 13.08
N PHE A 363 20.53 8.79 13.99
CA PHE A 363 21.02 10.14 13.87
C PHE A 363 22.19 10.27 14.85
N ILE A 364 23.41 10.42 14.34
CA ILE A 364 24.61 10.57 15.16
C ILE A 364 25.29 11.88 14.78
N PRO A 365 25.33 12.89 15.66
CA PRO A 365 25.98 14.17 15.31
C PRO A 365 27.44 13.99 14.94
N ALA A 366 27.91 14.74 13.93
CA ALA A 366 29.28 14.68 13.44
C ALA A 366 30.26 15.00 14.55
N ASN A 367 31.41 14.31 14.55
CA ASN A 367 32.47 14.56 15.53
C ASN A 367 33.42 15.62 14.92
N PRO A 368 33.42 16.88 15.40
CA PRO A 368 34.32 17.89 14.79
C PRO A 368 35.81 17.70 15.10
N ASN A 369 36.14 16.77 16.03
CA ASN A 369 37.49 16.46 16.48
C ASN A 369 38.07 15.21 15.81
N MET A 370 37.39 14.69 14.78
CA MET A 370 37.82 13.49 14.07
C MET A 370 37.34 13.50 12.64
N SER A 371 38.23 13.13 11.71
CA SER A 371 37.94 13.04 10.29
C SER A 371 36.96 11.88 10.08
N PRO A 372 35.93 12.02 9.22
CA PRO A 372 34.96 10.92 9.02
C PRO A 372 35.59 9.58 8.59
N LEU A 373 36.70 9.61 7.81
CA LEU A 373 37.43 8.42 7.36
C LEU A 373 37.94 7.61 8.56
N GLU A 374 38.47 8.32 9.59
CA GLU A 374 38.95 7.73 10.86
C GLU A 374 37.81 7.03 11.59
N SER A 375 36.64 7.71 11.67
CA SER A 375 35.42 7.25 12.34
C SER A 375 34.88 5.95 11.72
N ILE A 376 34.83 5.89 10.36
CA ILE A 376 34.38 4.71 9.60
C ILE A 376 35.33 3.52 9.85
N LYS A 377 36.64 3.79 9.90
CA LYS A 377 37.69 2.79 10.15
C LYS A 377 37.63 2.20 11.57
N ALA A 378 37.18 3.01 12.55
CA ALA A 378 37.05 2.62 13.97
C ALA A 378 36.01 1.52 14.22
N ASN A 379 35.15 1.23 13.22
CA ASN A 379 34.12 0.19 13.31
C ASN A 379 34.24 -0.84 12.16
N PRO A 380 34.53 -2.12 12.49
CA PRO A 380 34.69 -3.16 11.43
C PRO A 380 33.52 -3.34 10.45
N VAL A 381 32.28 -3.06 10.89
CA VAL A 381 31.08 -3.20 10.06
C VAL A 381 30.99 -2.17 8.91
N PHE A 382 31.69 -1.02 9.06
CA PHE A 382 31.72 0.05 8.06
C PHE A 382 32.84 -0.12 7.02
N ASP A 383 33.47 -1.32 6.97
CA ASP A 383 34.55 -1.64 6.03
C ASP A 383 34.09 -1.55 4.58
N TYR A 384 32.82 -1.97 4.31
CA TYR A 384 32.18 -1.91 2.99
C TYR A 384 32.22 -0.47 2.42
N GLN A 385 32.09 0.55 3.30
CA GLN A 385 32.15 1.96 2.93
C GLN A 385 33.54 2.32 2.38
N LEU A 386 34.62 1.73 2.96
CA LEU A 386 36.00 1.95 2.50
C LEU A 386 36.24 1.30 1.14
N TYR A 387 35.62 0.14 0.92
CA TYR A 387 35.68 -0.57 -0.36
C TYR A 387 34.98 0.24 -1.46
N PHE A 388 33.94 1.00 -1.07
CA PHE A 388 33.14 1.85 -1.95
C PHE A 388 33.81 3.16 -2.33
N GLN A 389 34.94 3.51 -1.70
CA GLN A 389 35.64 4.78 -1.95
C GLN A 389 36.29 4.93 -3.30
N GLU A 390 37.07 3.93 -3.74
CA GLU A 390 37.79 3.98 -5.02
C GLU A 390 36.86 3.94 -6.23
N PRO A 391 36.76 5.03 -7.01
CA PRO A 391 35.85 5.01 -8.15
C PRO A 391 36.20 3.90 -9.14
N GLY A 392 35.17 3.13 -9.53
CA GLY A 392 35.29 2.03 -10.49
C GLY A 392 35.42 0.63 -9.92
N VAL A 393 36.01 0.49 -8.72
CA VAL A 393 36.25 -0.82 -8.10
C VAL A 393 34.95 -1.54 -7.73
N ALA A 394 34.10 -0.89 -6.91
CA ALA A 394 32.81 -1.49 -6.51
C ALA A 394 31.86 -1.51 -7.72
N GLU A 395 31.94 -0.49 -8.62
CA GLU A 395 31.11 -0.44 -9.83
C GLU A 395 31.28 -1.71 -10.66
N ALA A 396 32.54 -2.09 -10.94
CA ALA A 396 32.86 -3.29 -11.73
C ALA A 396 32.28 -4.57 -11.12
N GLU A 397 32.50 -4.79 -9.81
CA GLU A 397 31.97 -5.96 -9.10
C GLU A 397 30.45 -5.98 -9.05
N LEU A 398 29.83 -4.82 -8.74
CA LEU A 398 28.37 -4.70 -8.63
C LEU A 398 27.67 -4.80 -9.98
N GLU A 399 28.27 -4.25 -11.04
CA GLU A 399 27.74 -4.27 -12.42
C GLU A 399 28.03 -5.55 -13.23
N GLN A 400 28.96 -6.42 -12.76
CA GLN A 400 29.35 -7.64 -13.49
C GLN A 400 28.16 -8.56 -13.79
N ASN A 401 27.38 -8.90 -12.76
CA ASN A 401 26.19 -9.74 -12.87
C ASN A 401 25.14 -9.17 -11.94
N LEU A 402 24.24 -8.35 -12.51
CA LEU A 402 23.16 -7.64 -11.82
C LEU A 402 22.26 -8.55 -11.02
N SER A 403 21.80 -9.67 -11.63
CA SER A 403 20.94 -10.66 -10.98
C SER A 403 21.62 -11.22 -9.73
N ARG A 404 22.94 -11.52 -9.83
CA ARG A 404 23.75 -12.04 -8.72
C ARG A 404 23.87 -10.98 -7.62
N THR A 405 24.13 -9.70 -8.00
CA THR A 405 24.23 -8.57 -7.06
C THR A 405 23.00 -8.49 -6.14
N PHE A 406 21.79 -8.38 -6.72
CA PHE A 406 20.54 -8.24 -5.96
C PHE A 406 20.15 -9.47 -5.19
N LYS A 407 20.38 -10.66 -5.76
CA LYS A 407 20.14 -11.92 -5.07
C LYS A 407 21.07 -12.10 -3.87
N SER A 408 22.34 -11.66 -4.00
CA SER A 408 23.33 -11.74 -2.90
C SER A 408 23.01 -10.72 -1.80
N LEU A 409 22.67 -9.47 -2.19
CA LEU A 409 22.35 -8.39 -1.26
C LEU A 409 21.02 -8.57 -0.52
N PHE A 410 19.92 -8.72 -1.27
CA PHE A 410 18.58 -8.79 -0.69
C PHE A 410 18.23 -10.13 -0.05
N ARG A 411 18.67 -10.31 1.22
CA ARG A 411 18.42 -11.53 2.01
C ARG A 411 17.95 -11.20 3.41
N ALA A 412 17.09 -12.07 3.97
CA ALA A 412 16.59 -11.94 5.35
C ALA A 412 17.70 -12.39 6.31
N SER A 413 17.54 -12.12 7.63
CA SER A 413 18.59 -12.44 8.62
C SER A 413 19.00 -13.93 8.74
N ASP A 414 18.03 -14.84 8.52
CA ASP A 414 18.19 -16.30 8.57
C ASP A 414 18.86 -16.85 7.30
N GLU A 415 18.92 -16.03 6.24
CA GLU A 415 19.51 -16.41 4.96
C GLU A 415 20.98 -16.08 4.96
N SER A 416 21.77 -16.84 4.17
CA SER A 416 23.23 -16.72 4.13
C SER A 416 23.76 -15.40 3.54
N VAL A 417 23.49 -14.31 4.29
CA VAL A 417 23.82 -12.92 4.02
C VAL A 417 25.33 -12.67 3.86
N LEU A 418 25.70 -11.60 3.13
CA LEU A 418 27.08 -11.22 2.94
C LEU A 418 27.63 -10.64 4.22
N SER A 419 28.91 -10.88 4.50
CA SER A 419 29.58 -10.30 5.65
C SER A 419 30.04 -8.91 5.20
N MET A 420 29.75 -7.87 6.01
CA MET A 420 30.13 -6.49 5.70
C MET A 420 31.49 -6.18 6.33
N HIS A 421 32.06 -7.22 6.97
CA HIS A 421 33.35 -7.24 7.64
C HIS A 421 34.42 -7.79 6.69
N LYS A 422 35.61 -7.17 6.70
CA LYS A 422 36.79 -7.54 5.90
C LYS A 422 36.50 -7.68 4.39
N VAL A 423 35.81 -6.68 3.81
CA VAL A 423 35.42 -6.60 2.41
C VAL A 423 36.63 -6.13 1.54
N CYS A 424 37.43 -5.17 2.05
CA CYS A 424 38.63 -4.66 1.38
C CYS A 424 39.69 -5.77 1.28
N GLU A 425 40.02 -6.41 2.43
CA GLU A 425 40.97 -7.52 2.59
C GLU A 425 40.57 -8.68 1.66
N ALA A 426 39.28 -9.06 1.68
CA ALA A 426 38.71 -10.11 0.84
C ALA A 426 38.77 -9.75 -0.66
N GLY A 427 38.72 -8.45 -0.96
CA GLY A 427 38.78 -7.92 -2.32
C GLY A 427 37.43 -7.79 -3.00
N GLY A 428 36.38 -7.60 -2.22
CA GLY A 428 35.02 -7.42 -2.74
C GLY A 428 33.92 -7.92 -1.83
N LEU A 429 32.67 -7.59 -2.20
CA LEU A 429 31.45 -7.97 -1.48
C LEU A 429 31.04 -9.41 -1.72
N PHE A 430 31.18 -9.90 -2.96
CA PHE A 430 30.72 -11.23 -3.38
C PHE A 430 31.83 -12.27 -3.63
N VAL A 431 33.02 -12.07 -3.04
CA VAL A 431 34.16 -12.98 -3.22
C VAL A 431 33.97 -14.38 -2.59
N ASN A 432 33.20 -14.47 -1.49
CA ASN A 432 32.88 -15.73 -0.80
C ASN A 432 31.42 -16.13 -1.05
N SER A 433 30.77 -15.46 -2.04
CA SER A 433 29.37 -15.67 -2.39
C SER A 433 29.25 -16.52 -3.66
N PRO A 434 28.19 -17.38 -3.81
CA PRO A 434 28.07 -18.19 -5.03
C PRO A 434 27.79 -17.39 -6.30
N GLU A 435 28.08 -18.03 -7.45
CA GLU A 435 27.87 -17.48 -8.78
C GLU A 435 26.37 -17.42 -9.06
N GLU A 436 25.62 -18.40 -8.55
CA GLU A 436 24.18 -18.49 -8.68
C GLU A 436 23.53 -18.53 -7.29
N PRO A 437 23.33 -17.34 -6.65
CA PRO A 437 22.71 -17.32 -5.31
C PRO A 437 21.28 -17.85 -5.33
N SER A 438 20.85 -18.46 -4.22
CA SER A 438 19.49 -18.95 -4.08
C SER A 438 18.55 -17.74 -3.98
N LEU A 439 17.27 -17.92 -4.24
CA LEU A 439 16.33 -16.83 -4.17
C LEU A 439 15.86 -16.69 -2.71
N SER A 440 16.01 -15.47 -2.15
CA SER A 440 15.56 -15.14 -0.81
C SER A 440 14.04 -15.25 -0.73
N ARG A 441 13.51 -15.58 0.45
CA ARG A 441 12.07 -15.68 0.68
C ARG A 441 11.38 -14.31 0.65
N MET A 442 12.17 -13.22 0.78
CA MET A 442 11.69 -11.82 0.75
C MET A 442 11.32 -11.36 -0.65
N VAL A 443 11.97 -11.94 -1.70
CA VAL A 443 11.79 -11.50 -3.08
C VAL A 443 11.43 -12.61 -4.07
N THR A 444 10.68 -12.26 -5.13
CA THR A 444 10.38 -13.23 -6.18
C THR A 444 11.44 -13.01 -7.27
N GLU A 445 11.51 -13.91 -8.24
CA GLU A 445 12.44 -13.78 -9.37
C GLU A 445 12.13 -12.51 -10.18
N GLU A 446 10.82 -12.22 -10.37
CA GLU A 446 10.29 -11.07 -11.11
C GLU A 446 10.73 -9.74 -10.48
N GLU A 447 10.63 -9.64 -9.14
CA GLU A 447 11.03 -8.46 -8.38
C GLU A 447 12.52 -8.20 -8.51
N ILE A 448 13.35 -9.28 -8.55
CA ILE A 448 14.80 -9.18 -8.73
C ILE A 448 15.05 -8.56 -10.11
N GLN A 449 14.34 -9.07 -11.13
CA GLN A 449 14.45 -8.59 -12.53
C GLN A 449 14.04 -7.14 -12.72
N PHE A 450 13.19 -6.60 -11.82
CA PHE A 450 12.83 -5.19 -11.86
C PHE A 450 14.06 -4.35 -11.47
N TYR A 451 14.75 -4.69 -10.35
CA TYR A 451 15.98 -4.02 -9.92
C TYR A 451 17.05 -4.13 -10.98
N VAL A 452 17.22 -5.33 -11.58
CA VAL A 452 18.16 -5.62 -12.68
C VAL A 452 17.91 -4.62 -13.82
N GLN A 453 16.66 -4.58 -14.36
CA GLN A 453 16.27 -3.67 -15.45
C GLN A 453 16.51 -2.20 -15.09
N GLN A 454 16.11 -1.79 -13.86
CA GLN A 454 16.32 -0.43 -13.35
C GLN A 454 17.78 -0.02 -13.31
N PHE A 455 18.66 -0.93 -12.84
CA PHE A 455 20.10 -0.66 -12.75
C PHE A 455 20.87 -0.71 -14.09
N LYS A 456 20.23 -1.20 -15.16
CA LYS A 456 20.82 -1.25 -16.49
C LYS A 456 21.01 0.13 -17.11
N LYS A 457 20.16 1.12 -16.70
CA LYS A 457 20.25 2.48 -17.22
C LYS A 457 21.52 3.22 -16.77
N SER A 458 21.74 3.35 -15.47
CA SER A 458 22.86 4.14 -14.97
C SER A 458 23.93 3.41 -14.21
N GLY A 459 23.66 2.16 -13.82
CA GLY A 459 24.61 1.35 -13.06
C GLY A 459 24.77 1.84 -11.64
N PHE A 460 25.95 1.55 -11.07
CA PHE A 460 26.28 1.83 -9.67
C PHE A 460 27.14 3.06 -9.37
N ARG A 461 27.57 3.84 -10.39
CA ARG A 461 28.38 5.05 -10.17
C ARG A 461 27.69 6.10 -9.23
N GLY A 462 26.53 6.60 -9.67
CA GLY A 462 25.71 7.55 -8.92
C GLY A 462 25.33 7.02 -7.55
N PRO A 463 24.76 5.81 -7.46
CA PRO A 463 24.47 5.20 -6.14
C PRO A 463 25.70 5.16 -5.21
N LEU A 464 26.85 4.66 -5.72
CA LEU A 464 28.10 4.59 -4.93
C LEU A 464 28.65 5.95 -4.55
N ASN A 465 28.36 7.00 -5.34
CA ASN A 465 28.79 8.36 -5.06
C ASN A 465 28.21 8.96 -3.77
N TRP A 466 27.11 8.35 -3.23
CA TRP A 466 26.49 8.75 -1.97
C TRP A 466 27.48 8.55 -0.80
N TYR A 467 28.31 7.48 -0.89
CA TYR A 467 29.34 7.10 0.09
C TYR A 467 30.67 7.87 -0.10
N ARG A 468 30.81 8.58 -1.23
CA ARG A 468 32.06 9.26 -1.59
C ARG A 468 32.14 10.75 -1.26
N ASN A 469 31.34 11.20 -0.29
CA ASN A 469 31.32 12.60 0.13
C ASN A 469 31.46 12.76 1.65
N MET A 470 32.11 11.78 2.32
N MET A 470 32.12 11.79 2.32
CA MET A 470 32.29 11.76 3.78
CA MET A 470 32.35 11.76 3.77
C MET A 470 32.84 13.06 4.37
C MET A 470 32.81 13.10 4.33
N GLU A 471 33.91 13.63 3.78
CA GLU A 471 34.55 14.90 4.20
C GLU A 471 33.60 16.08 4.00
N ARG A 472 32.97 16.15 2.81
CA ARG A 472 32.03 17.19 2.42
C ARG A 472 30.81 17.21 3.34
N ASN A 473 30.24 16.02 3.62
CA ASN A 473 29.06 15.87 4.48
C ASN A 473 29.38 16.18 5.92
N TRP A 474 30.58 15.81 6.40
CA TRP A 474 31.06 16.06 7.76
C TRP A 474 31.14 17.56 8.01
N LYS A 475 31.80 18.32 7.10
CA LYS A 475 31.93 19.78 7.15
C LYS A 475 30.56 20.47 7.22
N TRP A 476 29.59 20.02 6.39
CA TRP A 476 28.23 20.55 6.35
C TRP A 476 27.49 20.21 7.65
N ALA A 477 27.59 18.95 8.13
CA ALA A 477 26.95 18.49 9.35
C ALA A 477 27.43 19.27 10.58
N CYS A 478 28.73 19.63 10.63
CA CYS A 478 29.32 20.40 11.71
C CYS A 478 28.67 21.78 11.91
N LYS A 479 28.06 22.35 10.85
CA LYS A 479 27.32 23.62 10.91
C LYS A 479 26.03 23.47 11.74
N SER A 480 25.53 22.22 11.90
CA SER A 480 24.28 21.89 12.59
C SER A 480 24.48 21.39 14.03
N LEU A 481 25.74 21.39 14.53
CA LEU A 481 26.07 20.86 15.86
C LEU A 481 25.41 21.52 17.07
N GLY A 482 25.01 22.79 16.93
CA GLY A 482 24.31 23.52 17.99
C GLY A 482 22.81 23.29 17.97
N ARG A 483 22.29 22.70 16.86
CA ARG A 483 20.87 22.47 16.68
C ARG A 483 20.35 21.19 17.30
N LYS A 484 19.03 21.16 17.52
CA LYS A 484 18.29 20.00 18.00
C LYS A 484 17.15 19.74 17.02
N ILE A 485 16.68 18.48 16.94
CA ILE A 485 15.54 18.11 16.11
C ILE A 485 14.35 18.13 17.05
N LEU A 486 13.48 19.13 16.87
CA LEU A 486 12.33 19.40 17.73
C LEU A 486 10.98 19.23 17.01
N ILE A 487 11.00 18.77 15.75
CA ILE A 487 9.81 18.48 14.97
C ILE A 487 9.44 16.99 15.23
N PRO A 488 8.21 16.48 14.92
CA PRO A 488 7.94 15.06 15.20
C PRO A 488 8.91 14.12 14.48
N ALA A 489 9.47 13.16 15.22
CA ALA A 489 10.48 12.25 14.69
C ALA A 489 10.29 10.82 15.18
N LEU A 490 10.55 9.87 14.28
CA LEU A 490 10.45 8.44 14.56
C LEU A 490 11.71 7.73 14.14
N MET A 491 12.27 6.91 15.05
CA MET A 491 13.43 6.10 14.78
C MET A 491 13.00 4.65 14.85
N VAL A 492 13.11 3.93 13.72
CA VAL A 492 12.72 2.52 13.69
C VAL A 492 13.98 1.69 13.63
N THR A 493 14.18 0.82 14.63
CA THR A 493 15.35 -0.04 14.69
C THR A 493 15.02 -1.45 14.24
N ALA A 494 15.96 -2.08 13.54
CA ALA A 494 15.83 -3.46 13.03
C ALA A 494 16.86 -4.34 13.76
N GLU A 495 16.36 -5.24 14.64
CA GLU A 495 17.14 -6.14 15.51
C GLU A 495 18.36 -6.79 14.86
N LYS A 496 18.16 -7.39 13.68
CA LYS A 496 19.23 -8.11 13.00
C LYS A 496 19.97 -7.39 11.87
N ASP A 497 19.94 -6.05 11.90
CA ASP A 497 20.74 -5.28 10.94
C ASP A 497 22.11 -5.20 11.61
N PHE A 498 23.10 -5.91 11.04
CA PHE A 498 24.44 -5.98 11.62
C PHE A 498 25.35 -4.83 11.23
N VAL A 499 24.87 -3.91 10.37
CA VAL A 499 25.59 -2.71 9.94
C VAL A 499 24.97 -1.50 10.67
N LEU A 500 23.66 -1.28 10.49
CA LEU A 500 22.92 -0.22 11.15
C LEU A 500 22.25 -0.84 12.38
N VAL A 501 23.09 -1.16 13.39
CA VAL A 501 22.67 -1.83 14.62
C VAL A 501 21.78 -0.96 15.51
N PRO A 502 20.72 -1.55 16.14
CA PRO A 502 19.84 -0.76 17.01
C PRO A 502 20.54 0.03 18.13
N GLN A 503 21.63 -0.52 18.70
CA GLN A 503 22.38 0.16 19.76
C GLN A 503 23.09 1.46 19.32
N MET A 504 23.40 1.61 18.02
CA MET A 504 23.99 2.83 17.46
C MET A 504 23.03 4.04 17.58
N SER A 505 21.72 3.78 17.83
CA SER A 505 20.66 4.79 17.96
C SER A 505 20.38 5.20 19.41
N GLN A 506 21.02 4.53 20.39
CA GLN A 506 20.82 4.73 21.83
C GLN A 506 20.96 6.15 22.40
N HIS A 507 21.81 7.01 21.82
CA HIS A 507 21.99 8.37 22.34
C HIS A 507 21.15 9.46 21.66
N MET A 508 20.30 9.09 20.69
CA MET A 508 19.47 10.00 19.89
C MET A 508 18.59 10.98 20.66
N GLU A 509 18.06 10.59 21.86
CA GLU A 509 17.23 11.50 22.70
C GLU A 509 17.96 12.76 23.17
N ASP A 510 19.31 12.76 23.16
CA ASP A 510 20.12 13.91 23.53
C ASP A 510 19.99 15.04 22.51
N TRP A 511 19.73 14.69 21.24
CA TRP A 511 19.59 15.63 20.12
C TRP A 511 18.18 15.73 19.59
N ILE A 512 17.36 14.71 19.87
CA ILE A 512 15.95 14.63 19.45
C ILE A 512 15.17 14.27 20.74
N PRO A 513 14.94 15.23 21.68
CA PRO A 513 14.29 14.87 22.96
C PRO A 513 12.89 14.26 22.88
N HIS A 514 12.03 14.75 21.97
CA HIS A 514 10.67 14.21 21.82
C HIS A 514 10.59 12.97 20.92
N LEU A 515 11.75 12.38 20.54
CA LEU A 515 11.84 11.22 19.66
C LEU A 515 10.93 10.05 20.04
N LYS A 516 10.18 9.55 19.06
CA LYS A 516 9.33 8.37 19.23
C LYS A 516 10.06 7.20 18.58
N ARG A 517 9.79 5.99 19.05
CA ARG A 517 10.48 4.81 18.57
C ARG A 517 9.60 3.69 18.10
N GLY A 518 10.23 2.80 17.34
CA GLY A 518 9.68 1.56 16.83
C GLY A 518 10.80 0.54 16.77
N HIS A 519 10.48 -0.73 16.99
CA HIS A 519 11.50 -1.76 16.95
C HIS A 519 10.97 -3.02 16.30
N ILE A 520 11.68 -3.50 15.29
CA ILE A 520 11.30 -4.70 14.58
C ILE A 520 12.28 -5.82 14.90
N GLU A 521 11.76 -6.85 15.58
CA GLU A 521 12.52 -8.02 15.93
C GLU A 521 12.64 -8.90 14.71
N ASP A 522 13.71 -9.72 14.67
CA ASP A 522 14.00 -10.70 13.61
C ASP A 522 13.95 -10.04 12.22
N CYS A 523 14.47 -8.80 12.13
CA CYS A 523 14.49 -8.00 10.92
C CYS A 523 15.91 -7.61 10.53
N GLY A 524 16.30 -7.92 9.30
CA GLY A 524 17.60 -7.59 8.73
C GLY A 524 17.67 -6.15 8.23
N HIS A 525 18.63 -5.87 7.32
CA HIS A 525 18.84 -4.55 6.76
C HIS A 525 17.73 -4.04 5.85
N TRP A 526 17.14 -4.94 5.04
CA TRP A 526 16.09 -4.61 4.06
C TRP A 526 14.73 -4.65 4.75
N THR A 527 14.55 -3.73 5.71
CA THR A 527 13.40 -3.56 6.58
C THR A 527 12.03 -3.66 5.92
N GLN A 528 11.79 -2.87 4.85
CA GLN A 528 10.51 -2.78 4.14
C GLN A 528 10.03 -4.09 3.58
N MET A 529 10.93 -4.90 2.97
CA MET A 529 10.55 -6.20 2.37
C MET A 529 10.67 -7.39 3.34
N ASP A 530 11.52 -7.26 4.37
CA ASP A 530 11.75 -8.28 5.39
C ASP A 530 10.53 -8.36 6.30
N LYS A 531 10.10 -7.21 6.86
CA LYS A 531 8.93 -7.15 7.73
C LYS A 531 7.93 -6.09 7.25
N PRO A 532 7.30 -6.30 6.07
CA PRO A 532 6.38 -5.25 5.53
C PRO A 532 5.21 -4.90 6.41
N THR A 533 4.52 -5.92 6.96
CA THR A 533 3.35 -5.77 7.84
C THR A 533 3.64 -4.91 9.07
N GLU A 534 4.78 -5.14 9.73
CA GLU A 534 5.14 -4.38 10.93
C GLU A 534 5.65 -2.98 10.64
N VAL A 535 6.31 -2.77 9.49
CA VAL A 535 6.76 -1.46 9.01
C VAL A 535 5.50 -0.58 8.85
N ASN A 536 4.50 -1.11 8.11
CA ASN A 536 3.24 -0.43 7.83
C ASN A 536 2.50 -0.06 9.10
N GLN A 537 2.41 -1.03 10.03
CA GLN A 537 1.78 -0.87 11.33
C GLN A 537 2.45 0.30 12.14
N ILE A 538 3.80 0.31 12.22
CA ILE A 538 4.57 1.34 12.93
C ILE A 538 4.43 2.72 12.27
N LEU A 539 4.57 2.79 10.93
CA LEU A 539 4.47 4.05 10.19
C LEU A 539 3.08 4.65 10.24
N ILE A 540 2.02 3.84 9.98
CA ILE A 540 0.62 4.32 9.99
C ILE A 540 0.26 4.89 11.37
N LYS A 541 0.56 4.13 12.43
CA LYS A 541 0.31 4.52 13.82
C LYS A 541 1.03 5.84 14.18
N TRP A 542 2.30 6.00 13.77
CA TRP A 542 3.07 7.23 14.01
C TRP A 542 2.54 8.38 13.18
N LEU A 543 2.22 8.15 11.89
CA LEU A 543 1.64 9.15 10.99
C LEU A 543 0.32 9.69 11.53
N ASP A 544 -0.61 8.80 11.91
CA ASP A 544 -1.91 9.19 12.44
C ASP A 544 -1.83 9.95 13.75
N SER A 545 -0.83 9.66 14.59
CA SER A 545 -0.64 10.33 15.87
C SER A 545 0.13 11.65 15.79
N ASP A 546 1.26 11.67 15.04
CA ASP A 546 2.17 12.82 14.95
C ASP A 546 2.24 13.62 13.64
N ALA A 547 1.70 13.09 12.53
CA ALA A 547 1.78 13.76 11.22
C ALA A 547 0.46 13.76 10.49
S SO4 B . 24.46 5.31 5.72
O1 SO4 B . 25.47 4.83 4.76
O2 SO4 B . 24.85 4.91 7.08
O3 SO4 B . 24.39 6.77 5.67
O4 SO4 B . 23.17 4.74 5.40
S DMS C . -11.10 -2.79 -11.30
O DMS C . -11.86 -1.66 -12.48
C1 DMS C . -9.57 -3.45 -12.03
C2 DMS C . -12.12 -4.29 -11.26
S DMS D . 7.95 -12.70 -1.98
O DMS D . 8.91 -14.21 -2.21
C1 DMS D . 7.93 -12.31 -0.21
C2 DMS D . 6.21 -13.15 -2.15
C1 GOL E . -5.79 5.00 -2.29
O1 GOL E . -6.70 5.36 -1.27
C2 GOL E . -6.06 3.59 -2.85
O2 GOL E . -5.07 3.23 -3.82
C3 GOL E . -7.51 3.42 -3.39
O3 GOL E . -7.59 3.17 -4.80
C1 4XH F . 24.04 -2.13 4.65
C2 4XH F . 23.89 -6.70 2.68
C3 4XH F . 24.19 -5.44 2.18
C4 4XH F . 23.76 -3.39 5.14
C5 4XH F . 24.36 -1.96 3.32
C6 4XH F . 23.57 -6.77 4.01
C7 4XH F . 24.14 -4.34 3.00
C8 4XH F . 23.80 -4.51 4.33
C9 4XH F . 24.42 -3.07 2.50
N10 4XH F . 23.52 -5.73 4.85
BR 4XH F . 24.89 -2.80 0.68
#